data_8CON
#
_entry.id   8CON
#
_cell.length_a   63.405
_cell.length_b   63.405
_cell.length_c   182.153
_cell.angle_alpha   90.00
_cell.angle_beta   90.00
_cell.angle_gamma   120.00
#
_symmetry.space_group_name_H-M   'P 31 2 1'
#
loop_
_entity.id
_entity.type
_entity.pdbx_description
1 polymer 'Alcohol dehydrogenase class-P'
2 non-polymer 'ZINC ION'
3 non-polymer '1,4-DIHYDRONICOTINAMIDE ADENINE DINUCLEOTIDE'
4 non-polymer 'SULFATE ION'
5 non-polymer 'TETRAETHYLENE GLYCOL'
6 non-polymer DI(HYDROXYETHYL)ETHER
7 non-polymer 1,2-ETHANEDIOL
8 water water
#
_entity_poly.entity_id   1
_entity_poly.type   'polypeptide(L)'
_entity_poly.pdbx_seq_one_letter_code
;MSTTGQIIRCKAAVAWEAGKPLVIEEVEVAPPQKHEVRIKILFTSLCHTDVYFWEAKGQTPLFPRIFGHEAGGIVESVGE
GVTDLQPGDHVLPIFTGECGECRHCHSEESNMCDLLRINTERGGMIHDGESRFSINGKPIYHFLGTSTFSEYTVVHSGQV
AKINPDAPLDKVCIVSCGLSTGLGATLNVAKPKKGQSVAIFGLGAVGLGAAEGARIAGASRIIGVDFNSKRFDQAKEFGV
TECVNPKDHDKPIQQVIAEMTDGGVDRSVECTGSVQAMIQAFECVHDGWGVAVLVGVPSKDDAFKTHPMNFLNERTLKGT
FFGNYKPKTDIPGVVEKYMNKELELEKFITHTVPFSEINKAFDYMLKGESIRCIITMGA
;
_entity_poly.pdbx_strand_id   A
#
loop_
_chem_comp.id
_chem_comp.type
_chem_comp.name
_chem_comp.formula
EDO non-polymer 1,2-ETHANEDIOL 'C2 H6 O2'
NAI non-polymer '1,4-DIHYDRONICOTINAMIDE ADENINE DINUCLEOTIDE' 'C21 H29 N7 O14 P2'
PEG non-polymer DI(HYDROXYETHYL)ETHER 'C4 H10 O3'
PG4 non-polymer 'TETRAETHYLENE GLYCOL' 'C8 H18 O5'
SO4 non-polymer 'SULFATE ION' 'O4 S -2'
ZN non-polymer 'ZINC ION' 'Zn 2'
#
# COMPACT_ATOMS: atom_id res chain seq x y z
N MET A 1 4.35 20.02 21.74
CA MET A 1 4.09 20.25 23.16
C MET A 1 3.35 21.59 23.33
N SER A 2 4.03 22.69 23.01
CA SER A 2 3.37 23.99 23.04
C SER A 2 2.17 24.06 22.11
N THR A 3 2.08 23.14 21.15
CA THR A 3 0.96 23.06 20.22
C THR A 3 -0.17 22.16 20.71
N THR A 4 0.00 21.50 21.86
CA THR A 4 -1.03 20.59 22.38
C THR A 4 -2.34 21.32 22.63
N GLY A 5 -3.44 20.75 22.11
CA GLY A 5 -4.74 21.37 22.20
C GLY A 5 -4.93 22.58 21.33
N GLN A 6 -3.93 22.98 20.55
CA GLN A 6 -4.01 24.18 19.73
CA GLN A 6 -3.98 24.18 19.72
C GLN A 6 -4.18 23.82 18.26
N ILE A 7 -4.75 24.76 17.51
CA ILE A 7 -4.73 24.66 16.05
C ILE A 7 -3.31 24.88 15.57
N ILE A 8 -2.84 24.05 14.65
CA ILE A 8 -1.51 24.22 14.05
C ILE A 8 -1.65 24.85 12.68
N ARG A 9 -0.80 25.84 12.41
CA ARG A 9 -0.68 26.43 11.08
C ARG A 9 0.56 25.84 10.41
N CYS A 10 0.36 25.19 9.27
CA CYS A 10 1.46 24.53 8.58
C CYS A 10 1.16 24.48 7.09
N LYS A 11 2.03 23.80 6.34
CA LYS A 11 1.89 23.68 4.90
C LYS A 11 1.33 22.31 4.56
N ALA A 12 0.47 22.28 3.54
CA ALA A 12 -0.01 21.03 2.95
C ALA A 12 -0.05 21.19 1.44
N ALA A 13 0.04 20.07 0.72
CA ALA A 13 -0.05 20.06 -0.73
C ALA A 13 -1.50 19.76 -1.08
N VAL A 14 -2.20 20.76 -1.58
CA VAL A 14 -3.65 20.69 -1.77
C VAL A 14 -3.96 20.44 -3.22
N ALA A 15 -4.85 19.49 -3.48
CA ALA A 15 -5.36 19.24 -4.82
C ALA A 15 -6.66 20.04 -4.96
N TRP A 16 -6.66 21.06 -5.81
CA TRP A 16 -7.85 21.89 -6.01
C TRP A 16 -8.74 21.37 -7.13
N GLU A 17 -8.16 20.69 -8.10
CA GLU A 17 -8.89 20.25 -9.28
C GLU A 17 -8.33 18.91 -9.70
N ALA A 18 -9.17 18.10 -10.33
CA ALA A 18 -8.76 16.79 -10.81
C ALA A 18 -7.65 16.94 -11.84
N GLY A 19 -6.57 16.17 -11.63
CA GLY A 19 -5.52 16.12 -12.62
C GLY A 19 -4.64 17.36 -12.74
N LYS A 20 -4.83 18.34 -11.87
CA LYS A 20 -4.03 19.55 -11.90
C LYS A 20 -2.94 19.50 -10.83
N PRO A 21 -1.85 20.24 -11.00
CA PRO A 21 -0.76 20.17 -10.02
C PRO A 21 -1.18 20.60 -8.62
N LEU A 22 -0.64 19.91 -7.62
CA LEU A 22 -0.88 20.29 -6.25
C LEU A 22 -0.29 21.66 -5.97
N VAL A 23 -0.89 22.36 -5.02
CA VAL A 23 -0.42 23.68 -4.59
C VAL A 23 -0.04 23.61 -3.12
N ILE A 24 1.17 24.05 -2.80
CA ILE A 24 1.54 24.15 -1.38
C ILE A 24 0.81 25.34 -0.78
N GLU A 25 -0.05 25.06 0.20
CA GLU A 25 -0.90 26.05 0.85
C GLU A 25 -0.61 26.09 2.34
N GLU A 26 -0.77 27.26 2.94
N GLU A 26 -0.79 27.27 2.94
CA GLU A 26 -0.82 27.38 4.38
CA GLU A 26 -0.83 27.38 4.39
C GLU A 26 -2.21 26.96 4.85
C GLU A 26 -2.21 26.99 4.89
N VAL A 27 -2.27 25.91 5.68
CA VAL A 27 -3.53 25.35 6.15
C VAL A 27 -3.55 25.42 7.66
N GLU A 28 -4.74 25.20 8.23
CA GLU A 28 -4.90 25.05 9.65
C GLU A 28 -5.31 23.62 9.96
N VAL A 29 -4.65 23.03 10.95
CA VAL A 29 -4.88 21.65 11.37
C VAL A 29 -5.46 21.65 12.77
N ALA A 30 -6.70 21.17 12.89
CA ALA A 30 -7.36 21.14 14.18
C ALA A 30 -6.67 20.12 15.09
N PRO A 31 -6.77 20.30 16.41
CA PRO A 31 -6.26 19.29 17.34
C PRO A 31 -7.06 18.01 17.27
N PRO A 32 -6.49 16.89 17.69
CA PRO A 32 -7.17 15.60 17.53
C PRO A 32 -8.33 15.46 18.50
N GLN A 33 -9.41 14.88 18.01
CA GLN A 33 -10.58 14.59 18.82
C GLN A 33 -10.47 13.19 19.41
N LYS A 34 -11.56 12.67 19.98
CA LYS A 34 -11.55 11.37 20.62
C LYS A 34 -11.03 10.30 19.66
N HIS A 35 -10.11 9.47 20.15
CA HIS A 35 -9.54 8.33 19.44
C HIS A 35 -8.69 8.73 18.24
N GLU A 36 -8.26 9.99 18.18
CA GLU A 36 -7.45 10.48 17.09
C GLU A 36 -6.09 10.87 17.63
N VAL A 37 -5.11 10.94 16.72
CA VAL A 37 -3.80 11.51 17.06
C VAL A 37 -3.40 12.46 15.94
N ARG A 38 -2.56 13.43 16.29
CA ARG A 38 -2.04 14.38 15.33
C ARG A 38 -0.56 14.08 15.16
N ILE A 39 -0.12 13.98 13.90
CA ILE A 39 1.19 13.42 13.57
C ILE A 39 2.00 14.45 12.81
N LYS A 40 3.25 14.66 13.21
CA LYS A 40 4.17 15.42 12.39
C LYS A 40 4.77 14.50 11.34
N ILE A 41 4.58 14.83 10.06
CA ILE A 41 5.04 14.00 8.95
C ILE A 41 6.47 14.42 8.62
N LEU A 42 7.39 13.46 8.61
CA LEU A 42 8.77 13.75 8.24
C LEU A 42 9.08 13.33 6.81
N PHE A 43 8.52 12.20 6.40
CA PHE A 43 8.69 11.67 5.06
C PHE A 43 7.35 11.15 4.59
N THR A 44 7.05 11.36 3.30
CA THR A 44 5.90 10.74 2.67
C THR A 44 6.28 10.28 1.26
N SER A 45 5.42 9.49 0.63
CA SER A 45 5.69 8.99 -0.70
C SER A 45 4.39 8.99 -1.50
N LEU A 46 4.45 8.58 -2.75
CA LEU A 46 3.34 8.65 -3.70
C LEU A 46 3.18 7.29 -4.38
N CYS A 47 1.96 6.83 -4.55
CA CYS A 47 1.78 5.64 -5.37
C CYS A 47 0.54 5.83 -6.24
N HIS A 48 0.29 4.85 -7.10
CA HIS A 48 -0.78 4.95 -8.08
C HIS A 48 -2.15 5.17 -7.43
N THR A 49 -2.32 4.72 -6.18
CA THR A 49 -3.59 4.94 -5.49
C THR A 49 -3.84 6.43 -5.30
N ASP A 50 -2.80 7.20 -4.93
CA ASP A 50 -2.99 8.64 -4.81
C ASP A 50 -3.29 9.23 -6.18
N VAL A 51 -2.55 8.79 -7.20
CA VAL A 51 -2.71 9.35 -8.54
C VAL A 51 -4.12 9.06 -9.05
N TYR A 52 -4.63 7.85 -8.79
CA TYR A 52 -5.95 7.46 -9.30
C TYR A 52 -7.05 8.40 -8.81
N PHE A 53 -7.08 8.70 -7.51
CA PHE A 53 -8.10 9.57 -6.96
C PHE A 53 -7.83 11.04 -7.20
N TRP A 54 -6.57 11.42 -7.47
CA TRP A 54 -6.25 12.78 -7.88
C TRP A 54 -6.68 13.04 -9.33
N GLU A 55 -6.54 12.04 -10.20
CA GLU A 55 -7.03 12.15 -11.57
C GLU A 55 -8.56 12.11 -11.60
N ALA A 56 -9.15 11.31 -10.72
CA ALA A 56 -10.61 11.27 -10.53
C ALA A 56 -11.36 10.94 -11.83
N LYS A 57 -10.77 10.11 -12.67
CA LYS A 57 -11.44 9.68 -13.90
C LYS A 57 -12.33 8.48 -13.58
N GLY A 58 -13.63 8.65 -13.79
CA GLY A 58 -14.59 7.66 -13.33
C GLY A 58 -14.69 7.54 -11.82
N GLN A 59 -14.14 8.51 -11.08
CA GLN A 59 -14.15 8.49 -9.63
C GLN A 59 -14.89 9.70 -9.10
N THR A 60 -15.50 9.54 -7.93
CA THR A 60 -16.13 10.66 -7.28
C THR A 60 -15.09 11.73 -6.98
N PRO A 61 -15.23 12.92 -7.55
CA PRO A 61 -14.20 13.98 -7.53
C PRO A 61 -14.28 14.86 -6.28
N LEU A 62 -13.72 14.33 -5.18
CA LEU A 62 -13.66 15.07 -3.92
C LEU A 62 -12.48 16.05 -4.01
N PHE A 63 -12.78 17.35 -4.06
CA PHE A 63 -11.80 18.43 -4.11
C PHE A 63 -12.39 19.60 -3.36
N PRO A 64 -11.57 20.38 -2.66
CA PRO A 64 -10.12 20.21 -2.50
C PRO A 64 -9.79 19.03 -1.58
N ARG A 65 -8.60 18.45 -1.74
CA ARG A 65 -8.26 17.22 -1.05
C ARG A 65 -6.77 17.18 -0.78
N ILE A 66 -6.42 16.59 0.35
CA ILE A 66 -5.03 16.32 0.72
C ILE A 66 -4.84 14.80 0.59
N PHE A 67 -4.08 14.39 -0.41
CA PHE A 67 -3.87 12.98 -0.66
C PHE A 67 -2.73 12.49 0.21
N GLY A 68 -2.18 11.33 -0.13
CA GLY A 68 -1.03 10.82 0.62
C GLY A 68 -1.44 9.79 1.65
N HIS A 69 -0.86 8.59 1.60
CA HIS A 69 -1.18 7.58 2.60
C HIS A 69 0.03 6.73 2.94
N GLU A 70 1.23 7.09 2.50
CA GLU A 70 2.43 6.38 2.89
C GLU A 70 3.35 7.41 3.53
N ALA A 71 3.61 7.26 4.84
CA ALA A 71 4.36 8.27 5.55
C ALA A 71 4.98 7.72 6.82
N GLY A 72 6.08 8.34 7.22
CA GLY A 72 6.68 8.09 8.51
C GLY A 72 6.66 9.38 9.30
N GLY A 73 6.22 9.33 10.55
CA GLY A 73 6.07 10.55 11.30
C GLY A 73 6.23 10.34 12.78
N ILE A 74 6.02 11.43 13.54
CA ILE A 74 6.13 11.41 14.99
C ILE A 74 4.86 12.01 15.59
N VAL A 75 4.29 11.33 16.59
CA VAL A 75 3.09 11.81 17.25
C VAL A 75 3.37 13.13 17.96
N GLU A 76 2.57 14.15 17.62
CA GLU A 76 2.65 15.46 18.27
C GLU A 76 1.71 15.55 19.46
N SER A 77 0.48 15.03 19.35
CA SER A 77 -0.45 15.01 20.46
C SER A 77 -1.51 13.94 20.19
N VAL A 78 -2.20 13.55 21.27
CA VAL A 78 -3.23 12.51 21.19
C VAL A 78 -4.56 13.05 21.72
N GLY A 79 -5.63 12.51 21.18
CA GLY A 79 -6.98 12.91 21.56
C GLY A 79 -7.49 12.11 22.75
N GLU A 80 -8.72 12.44 23.14
CA GLU A 80 -9.35 11.78 24.28
C GLU A 80 -9.34 10.27 24.10
N GLY A 81 -9.04 9.56 25.18
CA GLY A 81 -9.15 8.11 25.17
C GLY A 81 -8.10 7.37 24.37
N VAL A 82 -7.05 8.04 23.92
CA VAL A 82 -5.93 7.38 23.27
C VAL A 82 -4.90 7.00 24.34
N THR A 83 -4.61 5.71 24.45
CA THR A 83 -3.65 5.24 25.44
C THR A 83 -2.50 4.42 24.86
N ASP A 84 -2.63 3.91 23.64
CA ASP A 84 -1.55 3.11 23.08
C ASP A 84 -0.54 3.94 22.31
N LEU A 85 -0.75 5.24 22.21
CA LEU A 85 0.13 6.16 21.50
C LEU A 85 0.34 7.38 22.39
N GLN A 86 1.54 7.95 22.34
CA GLN A 86 1.83 9.15 23.12
C GLN A 86 2.76 10.03 22.32
N PRO A 87 2.83 11.33 22.63
CA PRO A 87 3.72 12.24 21.89
C PRO A 87 5.15 11.76 21.90
N GLY A 88 5.81 11.89 20.75
CA GLY A 88 7.14 11.40 20.53
C GLY A 88 7.22 10.02 19.91
N ASP A 89 6.13 9.25 19.93
CA ASP A 89 6.15 7.93 19.31
C ASP A 89 6.38 8.04 17.81
N HIS A 90 7.18 7.11 17.28
CA HIS A 90 7.40 7.01 15.84
C HIS A 90 6.32 6.11 15.27
N VAL A 91 5.67 6.56 14.20
CA VAL A 91 4.43 5.95 13.73
C VAL A 91 4.35 5.92 12.21
N LEU A 92 3.56 4.97 11.71
CA LEU A 92 3.15 4.88 10.31
C LEU A 92 1.64 5.03 10.28
N PRO A 93 1.10 6.09 9.68
CA PRO A 93 -0.34 6.11 9.40
C PRO A 93 -0.64 5.19 8.23
N ILE A 94 -1.70 4.40 8.37
N ILE A 94 -1.70 4.40 8.35
CA ILE A 94 -2.03 3.34 7.42
CA ILE A 94 -1.96 3.39 7.34
C ILE A 94 -3.41 3.62 6.87
C ILE A 94 -3.40 3.54 6.87
N PHE A 95 -3.62 3.27 5.59
CA PHE A 95 -4.90 3.52 4.92
C PHE A 95 -6.06 2.62 5.39
N THR A 96 -5.82 1.81 6.41
CA THR A 96 -6.83 0.90 6.95
C THR A 96 -6.47 0.65 8.40
N GLY A 97 -7.46 0.23 9.20
CA GLY A 97 -7.32 0.26 10.64
C GLY A 97 -7.61 -1.07 11.31
N GLU A 98 -7.43 -1.06 12.63
CA GLU A 98 -7.62 -2.24 13.49
C GLU A 98 -8.28 -1.75 14.78
N CYS A 99 -9.60 -1.87 14.88
CA CYS A 99 -10.31 -1.40 16.07
C CYS A 99 -10.10 -2.31 17.27
N GLY A 100 -9.77 -3.58 17.04
CA GLY A 100 -9.50 -4.52 18.10
C GLY A 100 -10.72 -5.08 18.78
N GLU A 101 -11.92 -4.73 18.31
CA GLU A 101 -13.15 -5.11 18.97
CA GLU A 101 -13.18 -5.07 18.96
C GLU A 101 -14.06 -6.00 18.13
N CYS A 102 -13.94 -5.98 16.81
CA CYS A 102 -14.82 -6.74 15.95
C CYS A 102 -14.28 -8.15 15.69
N ARG A 103 -15.10 -8.96 15.01
CA ARG A 103 -14.77 -10.36 14.80
C ARG A 103 -13.53 -10.52 13.93
N HIS A 104 -13.37 -9.66 12.92
CA HIS A 104 -12.16 -9.67 12.11
C HIS A 104 -10.92 -9.39 12.94
N CYS A 105 -10.98 -8.36 13.80
CA CYS A 105 -9.84 -8.03 14.64
C CYS A 105 -9.54 -9.12 15.66
N HIS A 106 -10.51 -10.00 15.94
CA HIS A 106 -10.25 -11.14 16.81
C HIS A 106 -9.89 -12.40 16.01
N SER A 107 -9.81 -12.32 14.69
CA SER A 107 -9.54 -13.50 13.87
C SER A 107 -8.04 -13.69 13.65
N GLU A 108 -7.68 -14.91 13.22
CA GLU A 108 -6.32 -15.17 12.77
C GLU A 108 -6.11 -14.72 11.33
N GLU A 109 -7.12 -14.90 10.47
CA GLU A 109 -6.95 -14.82 9.03
C GLU A 109 -7.24 -13.44 8.46
N SER A 110 -8.15 -12.69 9.05
CA SER A 110 -8.77 -11.55 8.38
C SER A 110 -8.27 -10.25 8.99
N ASN A 111 -7.98 -9.27 8.13
CA ASN A 111 -7.75 -7.90 8.56
C ASN A 111 -8.89 -6.97 8.14
N MET A 112 -10.06 -7.52 7.84
CA MET A 112 -11.17 -6.75 7.29
C MET A 112 -11.98 -6.05 8.37
N CYS A 113 -11.32 -5.25 9.21
CA CYS A 113 -11.98 -4.58 10.33
C CYS A 113 -13.30 -3.94 9.92
N ASP A 114 -14.37 -4.23 10.69
CA ASP A 114 -15.69 -3.71 10.36
C ASP A 114 -15.75 -2.19 10.51
N LEU A 115 -15.03 -1.62 11.47
CA LEU A 115 -15.09 -0.19 11.72
C LEU A 115 -14.16 0.58 10.80
N LEU A 116 -12.93 0.10 10.65
CA LEU A 116 -11.85 0.91 10.09
C LEU A 116 -11.27 0.39 8.79
N ARG A 117 -11.92 -0.57 8.13
CA ARG A 117 -11.42 -1.02 6.84
C ARG A 117 -11.42 0.15 5.85
N ILE A 118 -10.50 0.08 4.88
CA ILE A 118 -10.28 1.16 3.93
C ILE A 118 -11.59 1.66 3.34
N ASN A 119 -11.71 2.98 3.20
CA ASN A 119 -12.85 3.60 2.53
C ASN A 119 -12.39 4.77 1.65
N THR A 120 -12.43 4.59 0.33
CA THR A 120 -11.83 5.58 -0.56
C THR A 120 -12.65 6.86 -0.72
N GLU A 121 -13.91 6.86 -0.31
CA GLU A 121 -14.76 8.02 -0.49
C GLU A 121 -15.03 8.77 0.78
N ARG A 122 -14.52 8.32 1.92
CA ARG A 122 -14.73 9.04 3.17
C ARG A 122 -13.86 10.29 3.20
N GLY A 123 -14.49 11.46 3.23
CA GLY A 123 -13.80 12.72 3.19
C GLY A 123 -13.57 13.38 4.53
N GLY A 124 -14.05 12.79 5.62
CA GLY A 124 -13.93 13.40 6.92
C GLY A 124 -13.49 12.37 7.95
N MET A 125 -13.53 12.75 9.21
N MET A 125 -13.54 12.76 9.21
CA MET A 125 -13.09 11.88 10.29
CA MET A 125 -13.11 11.88 10.29
C MET A 125 -14.23 10.96 10.74
C MET A 125 -14.23 10.97 10.77
N ILE A 126 -13.85 9.76 11.19
CA ILE A 126 -14.84 8.78 11.65
C ILE A 126 -15.60 9.32 12.87
N HIS A 127 -14.92 10.03 13.75
CA HIS A 127 -15.52 10.47 15.01
C HIS A 127 -16.76 11.32 14.78
N ASP A 128 -16.69 12.25 13.82
CA ASP A 128 -17.73 13.27 13.74
C ASP A 128 -18.10 13.70 12.32
N GLY A 129 -17.63 13.03 11.28
CA GLY A 129 -17.90 13.47 9.91
C GLY A 129 -17.31 14.82 9.54
N GLU A 130 -16.35 15.32 10.31
CA GLU A 130 -15.75 16.62 10.06
CA GLU A 130 -15.77 16.62 10.03
C GLU A 130 -14.34 16.48 9.51
N SER A 131 -13.91 17.51 8.78
CA SER A 131 -12.51 17.65 8.37
C SER A 131 -11.70 18.36 9.44
N ARG A 132 -10.45 17.93 9.60
CA ARG A 132 -9.55 18.60 10.53
C ARG A 132 -8.66 19.62 9.81
N PHE A 133 -8.85 19.78 8.50
CA PHE A 133 -8.05 20.69 7.67
C PHE A 133 -8.92 21.85 7.23
N SER A 134 -8.41 23.07 7.35
CA SER A 134 -9.10 24.20 6.73
C SER A 134 -8.09 25.12 6.08
N ILE A 135 -8.55 25.85 5.08
CA ILE A 135 -7.75 26.87 4.42
C ILE A 135 -8.61 28.11 4.30
N ASN A 136 -8.23 29.16 5.02
CA ASN A 136 -8.97 30.42 5.01
C ASN A 136 -10.42 30.20 5.44
N GLY A 137 -10.62 29.33 6.42
CA GLY A 137 -11.93 29.06 6.97
C GLY A 137 -12.73 27.98 6.28
N LYS A 138 -12.22 27.41 5.20
CA LYS A 138 -13.01 26.45 4.45
C LYS A 138 -12.38 25.06 4.52
N PRO A 139 -13.17 24.01 4.68
CA PRO A 139 -12.59 22.69 4.96
C PRO A 139 -12.04 22.02 3.71
N ILE A 140 -11.23 20.99 3.93
CA ILE A 140 -10.57 20.24 2.87
C ILE A 140 -10.86 18.77 3.08
N TYR A 141 -11.11 18.03 2.00
CA TYR A 141 -11.37 16.60 2.17
C TYR A 141 -10.12 15.84 2.61
N HIS A 142 -10.32 14.85 3.49
CA HIS A 142 -9.28 13.90 3.82
C HIS A 142 -9.23 12.79 2.77
N PHE A 143 -8.16 11.99 2.83
CA PHE A 143 -7.96 10.87 1.91
C PHE A 143 -7.52 9.64 2.71
N LEU A 144 -8.35 8.59 2.67
CA LEU A 144 -8.06 7.31 3.30
C LEU A 144 -7.85 7.43 4.80
N GLY A 145 -8.31 8.53 5.40
CA GLY A 145 -8.08 8.79 6.81
C GLY A 145 -6.65 9.15 7.15
N THR A 146 -5.78 9.31 6.17
CA THR A 146 -4.36 9.55 6.43
C THR A 146 -3.90 10.95 6.01
N SER A 147 -4.19 11.38 4.79
CA SER A 147 -3.82 12.71 4.28
C SER A 147 -2.40 13.13 4.68
N THR A 148 -1.44 12.35 4.22
CA THR A 148 -0.05 12.55 4.65
C THR A 148 0.70 13.61 3.84
N PHE A 149 0.08 14.22 2.83
CA PHE A 149 0.75 15.30 2.10
C PHE A 149 0.57 16.62 2.87
N SER A 150 0.86 16.59 4.16
CA SER A 150 0.77 17.76 5.03
C SER A 150 1.87 17.63 6.06
N GLU A 151 2.35 18.78 6.55
CA GLU A 151 3.36 18.76 7.60
C GLU A 151 2.81 18.16 8.88
N TYR A 152 1.50 18.33 9.14
CA TYR A 152 0.81 17.69 10.24
C TYR A 152 -0.51 17.14 9.71
N THR A 153 -0.93 15.99 10.23
CA THR A 153 -2.22 15.42 9.88
C THR A 153 -2.83 14.77 11.10
N VAL A 154 -4.14 14.53 11.04
CA VAL A 154 -4.89 13.93 12.14
C VAL A 154 -5.46 12.63 11.65
N VAL A 155 -5.28 11.56 12.43
CA VAL A 155 -5.58 10.20 11.97
C VAL A 155 -6.23 9.46 13.12
N HIS A 156 -7.28 8.68 12.82
CA HIS A 156 -7.81 7.77 13.84
C HIS A 156 -6.69 6.87 14.38
N SER A 157 -6.61 6.75 15.71
CA SER A 157 -5.51 5.99 16.29
C SER A 157 -5.53 4.53 15.85
N GLY A 158 -6.68 4.01 15.41
CA GLY A 158 -6.72 2.64 14.90
C GLY A 158 -6.00 2.45 13.59
N GLN A 159 -5.68 3.54 12.90
CA GLN A 159 -4.95 3.48 11.64
C GLN A 159 -3.51 3.90 11.79
N VAL A 160 -2.98 3.95 13.03
CA VAL A 160 -1.64 4.46 13.28
C VAL A 160 -0.86 3.36 13.99
N ALA A 161 0.18 2.87 13.33
CA ALA A 161 1.02 1.82 13.90
C ALA A 161 2.25 2.43 14.57
N LYS A 162 2.45 2.12 15.85
CA LYS A 162 3.67 2.47 16.59
C LYS A 162 4.78 1.52 16.17
N ILE A 163 5.94 2.07 15.80
CA ILE A 163 7.03 1.26 15.30
C ILE A 163 8.30 1.56 16.08
N ASN A 164 9.31 0.72 15.84
CA ASN A 164 10.64 0.83 16.42
C ASN A 164 11.17 2.26 16.24
N PRO A 165 11.46 3.00 17.33
CA PRO A 165 11.87 4.39 17.18
C PRO A 165 13.26 4.56 16.58
N ASP A 166 14.02 3.49 16.42
CA ASP A 166 15.28 3.54 15.68
C ASP A 166 15.13 3.26 14.20
N ALA A 167 13.92 2.94 13.73
CA ALA A 167 13.71 2.67 12.32
C ALA A 167 13.81 3.98 11.54
N PRO A 168 14.53 4.00 10.41
CA PRO A 168 14.57 5.22 9.59
C PRO A 168 13.23 5.45 8.89
N LEU A 169 12.61 6.60 9.17
CA LEU A 169 11.24 6.88 8.74
C LEU A 169 11.10 7.09 7.23
N ASP A 170 12.21 7.28 6.51
CA ASP A 170 12.09 7.40 5.06
C ASP A 170 11.98 6.03 4.39
N LYS A 171 12.64 5.01 4.96
CA LYS A 171 12.58 3.69 4.35
C LYS A 171 11.26 3.00 4.69
N VAL A 172 10.76 3.23 5.90
CA VAL A 172 9.56 2.47 6.36
C VAL A 172 8.27 3.15 5.89
N CYS A 173 8.36 4.37 5.38
CA CYS A 173 7.13 5.10 4.96
C CYS A 173 6.47 4.33 3.81
N ILE A 174 7.12 3.30 3.28
CA ILE A 174 6.60 2.54 2.11
C ILE A 174 6.19 1.12 2.52
N VAL A 175 6.20 0.82 3.80
CA VAL A 175 5.70 -0.47 4.34
C VAL A 175 4.17 -0.35 4.50
N SER A 176 3.61 0.86 4.40
CA SER A 176 2.18 1.09 4.60
C SER A 176 1.32 0.70 3.40
N CYS A 177 1.90 0.15 2.34
CA CYS A 177 1.10 -0.09 1.14
C CYS A 177 1.62 -1.27 0.33
N GLY A 178 2.30 -0.98 -0.79
CA GLY A 178 2.60 -2.04 -1.76
C GLY A 178 3.51 -3.13 -1.24
N LEU A 179 4.58 -2.74 -0.53
CA LEU A 179 5.53 -3.73 -0.03
C LEU A 179 4.83 -4.77 0.85
N SER A 180 4.17 -4.31 1.91
CA SER A 180 3.52 -5.23 2.84
C SER A 180 2.40 -6.02 2.17
N THR A 181 1.71 -5.40 1.22
CA THR A 181 0.63 -6.09 0.55
C THR A 181 1.15 -7.29 -0.23
N GLY A 182 2.22 -7.10 -1.03
CA GLY A 182 2.75 -8.22 -1.78
C GLY A 182 3.49 -9.20 -0.89
N LEU A 183 4.21 -8.68 0.11
CA LEU A 183 4.93 -9.57 1.02
C LEU A 183 3.97 -10.53 1.69
N GLY A 184 2.87 -10.00 2.24
CA GLY A 184 1.87 -10.84 2.88
C GLY A 184 1.04 -11.67 1.93
N ALA A 185 0.79 -11.16 0.71
CA ALA A 185 0.14 -11.97 -0.31
C ALA A 185 0.89 -13.27 -0.53
N THR A 186 2.22 -13.21 -0.58
CA THR A 186 2.98 -14.46 -0.71
C THR A 186 3.05 -15.23 0.60
N LEU A 187 3.43 -14.57 1.70
CA LEU A 187 3.74 -15.30 2.93
C LEU A 187 2.50 -15.72 3.69
N ASN A 188 1.44 -14.92 3.67
CA ASN A 188 0.25 -15.21 4.47
C ASN A 188 -0.83 -15.92 3.68
N VAL A 189 -0.90 -15.73 2.37
CA VAL A 189 -2.04 -16.18 1.56
C VAL A 189 -1.61 -17.26 0.57
N ALA A 190 -0.62 -16.98 -0.28
CA ALA A 190 -0.13 -18.01 -1.20
C ALA A 190 0.55 -19.16 -0.44
N LYS A 191 1.37 -18.83 0.54
CA LYS A 191 2.04 -19.82 1.38
C LYS A 191 2.77 -20.88 0.56
N PRO A 192 3.73 -20.49 -0.28
CA PRO A 192 4.52 -21.51 -0.98
C PRO A 192 5.37 -22.27 0.03
N LYS A 193 5.71 -23.50 -0.34
CA LYS A 193 6.64 -24.32 0.45
C LYS A 193 8.05 -24.21 -0.11
N LYS A 194 9.03 -24.59 0.71
CA LYS A 194 10.43 -24.54 0.27
C LYS A 194 10.63 -25.36 -1.00
N GLY A 195 11.25 -24.74 -2.00
CA GLY A 195 11.54 -25.39 -3.26
C GLY A 195 10.49 -25.21 -4.34
N GLN A 196 9.36 -24.60 -4.02
CA GLN A 196 8.25 -24.50 -4.95
C GLN A 196 8.47 -23.36 -5.95
N SER A 197 7.63 -23.34 -6.98
CA SER A 197 7.67 -22.33 -8.02
C SER A 197 6.53 -21.33 -7.83
N VAL A 198 6.82 -20.05 -8.11
CA VAL A 198 5.88 -18.95 -7.93
C VAL A 198 5.95 -18.05 -9.15
N ALA A 199 4.80 -17.76 -9.74
CA ALA A 199 4.69 -16.79 -10.82
C ALA A 199 4.08 -15.49 -10.29
N ILE A 200 4.70 -14.37 -10.60
CA ILE A 200 4.23 -13.06 -10.15
C ILE A 200 3.89 -12.21 -11.36
N PHE A 201 2.64 -11.75 -11.41
CA PHE A 201 2.12 -10.94 -12.50
C PHE A 201 2.20 -9.48 -12.06
N GLY A 202 3.07 -8.70 -12.69
CA GLY A 202 3.22 -7.31 -12.29
C GLY A 202 4.42 -7.12 -11.38
N LEU A 203 5.35 -6.25 -11.78
CA LEU A 203 6.59 -6.06 -11.05
C LEU A 203 6.74 -4.61 -10.59
N GLY A 204 5.63 -3.97 -10.24
CA GLY A 204 5.65 -2.78 -9.43
C GLY A 204 5.93 -3.14 -7.98
N ALA A 205 5.71 -2.16 -7.10
CA ALA A 205 6.04 -2.34 -5.70
C ALA A 205 5.33 -3.55 -5.11
N VAL A 206 4.08 -3.79 -5.52
CA VAL A 206 3.36 -4.96 -4.97
C VAL A 206 4.04 -6.25 -5.42
N GLY A 207 4.31 -6.38 -6.72
CA GLY A 207 4.94 -7.60 -7.20
C GLY A 207 6.34 -7.79 -6.63
N LEU A 208 7.08 -6.70 -6.44
CA LEU A 208 8.40 -6.81 -5.83
C LEU A 208 8.30 -7.28 -4.37
N GLY A 209 7.28 -6.83 -3.64
CA GLY A 209 7.06 -7.35 -2.30
C GLY A 209 6.71 -8.83 -2.32
N ALA A 210 5.87 -9.24 -3.28
CA ALA A 210 5.58 -10.66 -3.44
C ALA A 210 6.85 -11.46 -3.73
N ALA A 211 7.76 -10.89 -4.53
CA ALA A 211 9.01 -11.59 -4.81
C ALA A 211 9.85 -11.76 -3.56
N GLU A 212 9.95 -10.71 -2.74
CA GLU A 212 10.66 -10.81 -1.47
CA GLU A 212 10.67 -10.83 -1.48
C GLU A 212 10.06 -11.92 -0.60
N GLY A 213 8.74 -11.98 -0.53
CA GLY A 213 8.11 -13.02 0.26
C GLY A 213 8.40 -14.40 -0.28
N ALA A 214 8.44 -14.53 -1.61
CA ALA A 214 8.72 -15.83 -2.22
C ALA A 214 10.15 -16.26 -1.96
N ARG A 215 11.07 -15.32 -1.88
CA ARG A 215 12.45 -15.66 -1.52
C ARG A 215 12.54 -16.05 -0.04
N ILE A 216 11.89 -15.28 0.84
CA ILE A 216 11.84 -15.64 2.26
C ILE A 216 11.22 -17.02 2.45
N ALA A 217 10.21 -17.35 1.65
CA ALA A 217 9.58 -18.66 1.76
C ALA A 217 10.46 -19.78 1.21
N GLY A 218 11.53 -19.44 0.49
CA GLY A 218 12.41 -20.46 -0.04
C GLY A 218 11.99 -21.03 -1.37
N ALA A 219 11.28 -20.26 -2.18
CA ALA A 219 10.90 -20.71 -3.52
C ALA A 219 12.14 -20.83 -4.40
N SER A 220 12.21 -21.93 -5.15
CA SER A 220 13.38 -22.15 -5.99
C SER A 220 13.28 -21.42 -7.32
N ARG A 221 12.07 -21.24 -7.84
CA ARG A 221 11.85 -20.49 -9.07
C ARG A 221 10.81 -19.41 -8.83
N ILE A 222 11.16 -18.17 -9.15
CA ILE A 222 10.27 -17.04 -9.01
C ILE A 222 10.19 -16.36 -10.37
N ILE A 223 9.11 -16.65 -11.08
CA ILE A 223 8.93 -16.17 -12.45
C ILE A 223 8.17 -14.85 -12.43
N GLY A 224 8.84 -13.78 -12.83
CA GLY A 224 8.24 -12.46 -12.87
C GLY A 224 7.72 -12.16 -14.26
N VAL A 225 6.46 -11.75 -14.33
CA VAL A 225 5.75 -11.49 -15.59
C VAL A 225 5.36 -10.03 -15.63
N ASP A 226 5.66 -9.36 -16.75
CA ASP A 226 5.27 -7.96 -16.88
C ASP A 226 5.40 -7.55 -18.35
N PHE A 227 4.45 -6.71 -18.80
CA PHE A 227 4.51 -6.12 -20.13
C PHE A 227 5.73 -5.22 -20.29
N ASN A 228 6.31 -4.75 -19.19
CA ASN A 228 7.37 -3.75 -19.21
C ASN A 228 8.70 -4.43 -18.91
N SER A 229 9.51 -4.61 -19.96
CA SER A 229 10.79 -5.29 -19.78
C SER A 229 11.80 -4.46 -19.01
N LYS A 230 11.58 -3.15 -18.88
CA LYS A 230 12.49 -2.33 -18.08
C LYS A 230 12.49 -2.78 -16.62
N ARG A 231 11.39 -3.37 -16.17
CA ARG A 231 11.24 -3.71 -14.73
C ARG A 231 11.95 -5.02 -14.38
N PHE A 232 12.55 -5.70 -15.36
CA PHE A 232 13.13 -7.04 -15.11
C PHE A 232 14.41 -6.96 -14.27
N ASP A 233 15.41 -6.20 -14.72
CA ASP A 233 16.70 -6.13 -13.99
C ASP A 233 16.40 -5.72 -12.56
N GLN A 234 15.54 -4.71 -12.40
CA GLN A 234 15.11 -4.28 -11.08
C GLN A 234 14.57 -5.44 -10.25
N ALA A 235 13.73 -6.28 -10.86
CA ALA A 235 13.05 -7.33 -10.13
C ALA A 235 14.04 -8.36 -9.58
N LYS A 236 15.14 -8.60 -10.31
CA LYS A 236 16.08 -9.62 -9.86
C LYS A 236 16.73 -9.24 -8.54
N GLU A 237 16.81 -7.94 -8.23
CA GLU A 237 17.30 -7.52 -6.92
C GLU A 237 16.37 -7.94 -5.80
N PHE A 238 15.09 -8.17 -6.09
CA PHE A 238 14.09 -8.47 -5.07
C PHE A 238 13.77 -9.96 -4.98
N GLY A 239 14.45 -10.81 -5.75
CA GLY A 239 14.27 -12.25 -5.65
C GLY A 239 13.80 -12.93 -6.91
N VAL A 240 13.37 -12.18 -7.92
CA VAL A 240 12.89 -12.80 -9.16
C VAL A 240 14.03 -13.52 -9.86
N THR A 241 13.80 -14.79 -10.23
CA THR A 241 14.83 -15.59 -10.87
C THR A 241 14.69 -15.66 -12.39
N GLU A 242 13.47 -15.58 -12.91
CA GLU A 242 13.24 -15.58 -14.34
C GLU A 242 12.22 -14.50 -14.68
N CYS A 243 12.37 -13.90 -15.86
CA CYS A 243 11.48 -12.85 -16.31
C CYS A 243 10.85 -13.24 -17.62
N VAL A 244 9.55 -12.95 -17.77
CA VAL A 244 8.81 -13.32 -18.97
C VAL A 244 7.95 -12.13 -19.39
N ASN A 245 8.20 -11.62 -20.58
CA ASN A 245 7.27 -10.65 -21.15
C ASN A 245 6.23 -11.36 -21.98
N PRO A 246 4.94 -11.13 -21.74
CA PRO A 246 3.91 -11.76 -22.60
C PRO A 246 4.00 -11.34 -24.05
N LYS A 247 4.42 -10.09 -24.31
CA LYS A 247 4.53 -9.59 -25.68
C LYS A 247 5.45 -10.44 -26.53
N ASP A 248 6.40 -11.15 -25.91
CA ASP A 248 7.40 -11.93 -26.63
C ASP A 248 6.93 -13.33 -27.00
N HIS A 249 5.64 -13.63 -26.84
CA HIS A 249 5.14 -14.99 -27.01
C HIS A 249 3.83 -14.96 -27.76
N ASP A 250 3.65 -15.91 -28.68
CA ASP A 250 2.37 -16.06 -29.37
C ASP A 250 1.37 -16.78 -28.49
N LYS A 251 1.84 -17.76 -27.74
CA LYS A 251 0.96 -18.53 -26.87
C LYS A 251 0.46 -17.64 -25.72
N PRO A 252 -0.73 -17.92 -25.19
CA PRO A 252 -1.19 -17.21 -24.00
C PRO A 252 -0.23 -17.44 -22.84
N ILE A 253 -0.11 -16.44 -21.98
CA ILE A 253 0.93 -16.48 -20.95
C ILE A 253 0.70 -17.65 -20.00
N GLN A 254 -0.56 -18.02 -19.73
CA GLN A 254 -0.74 -19.17 -18.84
C GLN A 254 -0.24 -20.45 -19.49
N GLN A 255 -0.35 -20.57 -20.81
CA GLN A 255 0.26 -21.71 -21.49
C GLN A 255 1.78 -21.62 -21.44
N VAL A 256 2.32 -20.43 -21.61
CA VAL A 256 3.77 -20.23 -21.55
C VAL A 256 4.30 -20.69 -20.20
N ILE A 257 3.62 -20.31 -19.12
CA ILE A 257 4.06 -20.68 -17.78
C ILE A 257 3.92 -22.18 -17.54
N ALA A 258 2.78 -22.76 -17.93
CA ALA A 258 2.59 -24.19 -17.74
C ALA A 258 3.68 -24.99 -18.45
N GLU A 259 4.05 -24.54 -19.66
CA GLU A 259 5.09 -25.21 -20.43
C GLU A 259 6.45 -25.06 -19.77
N MET A 260 6.69 -23.92 -19.12
CA MET A 260 7.94 -23.74 -18.40
CA MET A 260 7.93 -23.71 -18.37
C MET A 260 8.05 -24.65 -17.19
N THR A 261 6.92 -25.01 -16.57
CA THR A 261 6.93 -25.66 -15.27
C THR A 261 6.33 -27.06 -15.27
N ASP A 262 6.05 -27.64 -16.44
CA ASP A 262 5.47 -28.97 -16.52
C ASP A 262 4.15 -29.03 -15.76
N GLY A 263 3.17 -28.29 -16.30
CA GLY A 263 1.81 -28.32 -15.82
C GLY A 263 1.35 -27.03 -15.16
N GLY A 264 2.27 -26.20 -14.70
CA GLY A 264 1.92 -24.93 -14.09
C GLY A 264 2.73 -24.68 -12.84
N VAL A 265 2.72 -23.43 -12.38
CA VAL A 265 3.44 -23.06 -11.17
C VAL A 265 2.70 -23.55 -9.94
N ASP A 266 3.44 -23.76 -8.85
CA ASP A 266 2.83 -24.17 -7.59
C ASP A 266 1.97 -23.05 -7.03
N ARG A 267 2.41 -21.80 -7.17
CA ARG A 267 1.71 -20.63 -6.65
C ARG A 267 1.78 -19.50 -7.68
N SER A 268 0.73 -18.69 -7.73
CA SER A 268 0.80 -17.45 -8.49
C SER A 268 0.25 -16.30 -7.64
N VAL A 269 0.75 -15.11 -7.91
CA VAL A 269 0.31 -13.87 -7.26
C VAL A 269 0.08 -12.83 -8.34
N GLU A 270 -1.17 -12.36 -8.45
CA GLU A 270 -1.60 -11.39 -9.46
C GLU A 270 -1.50 -9.98 -8.88
N CYS A 271 -0.59 -9.18 -9.43
CA CYS A 271 -0.24 -7.88 -8.85
C CYS A 271 -0.33 -6.77 -9.90
N THR A 272 -1.29 -6.89 -10.84
CA THR A 272 -1.44 -5.94 -11.93
C THR A 272 -2.68 -5.08 -11.83
N GLY A 273 -3.79 -5.64 -11.34
CA GLY A 273 -5.07 -4.99 -11.46
C GLY A 273 -5.82 -5.31 -12.73
N SER A 274 -5.20 -6.03 -13.67
CA SER A 274 -5.86 -6.41 -14.91
C SER A 274 -6.67 -7.69 -14.68
N VAL A 275 -7.97 -7.63 -14.97
CA VAL A 275 -8.82 -8.80 -14.80
C VAL A 275 -8.36 -9.94 -15.69
N GLN A 276 -7.82 -9.61 -16.87
CA GLN A 276 -7.29 -10.66 -17.73
C GLN A 276 -6.09 -11.34 -17.07
N ALA A 277 -5.26 -10.57 -16.35
CA ALA A 277 -4.16 -11.16 -15.64
C ALA A 277 -4.63 -12.00 -14.46
N MET A 278 -5.78 -11.68 -13.87
CA MET A 278 -6.30 -12.51 -12.79
C MET A 278 -6.73 -13.87 -13.31
N ILE A 279 -7.41 -13.89 -14.45
CA ILE A 279 -7.73 -15.14 -15.12
C ILE A 279 -6.46 -15.91 -15.45
N GLN A 280 -5.48 -15.23 -16.05
CA GLN A 280 -4.24 -15.90 -16.42
C GLN A 280 -3.51 -16.43 -15.19
N ALA A 281 -3.45 -15.63 -14.12
CA ALA A 281 -2.76 -16.08 -12.91
C ALA A 281 -3.42 -17.31 -12.32
N PHE A 282 -4.74 -17.39 -12.41
CA PHE A 282 -5.44 -18.58 -11.91
C PHE A 282 -5.16 -19.79 -12.79
N GLU A 283 -5.28 -19.62 -14.11
CA GLU A 283 -5.19 -20.76 -15.01
C GLU A 283 -3.77 -21.27 -15.18
N CYS A 284 -2.76 -20.49 -14.77
CA CYS A 284 -1.37 -20.92 -14.90
C CYS A 284 -0.88 -21.77 -13.74
N VAL A 285 -1.66 -21.94 -12.69
CA VAL A 285 -1.19 -22.77 -11.57
C VAL A 285 -1.49 -24.23 -11.88
N HIS A 286 -0.68 -25.10 -11.29
CA HIS A 286 -0.77 -26.54 -11.54
C HIS A 286 -2.12 -27.07 -11.07
N ASP A 287 -2.61 -28.11 -11.74
CA ASP A 287 -3.78 -28.76 -11.18
C ASP A 287 -3.39 -29.59 -9.96
N GLY A 288 -4.38 -30.03 -9.23
CA GLY A 288 -4.10 -30.78 -8.02
C GLY A 288 -3.70 -30.00 -6.78
N TRP A 289 -2.73 -29.09 -6.91
CA TRP A 289 -2.22 -28.37 -5.75
C TRP A 289 -1.98 -26.88 -5.98
N GLY A 290 -2.26 -26.35 -7.17
CA GLY A 290 -1.95 -24.95 -7.45
C GLY A 290 -2.85 -24.01 -6.67
N VAL A 291 -2.28 -22.87 -6.27
CA VAL A 291 -2.99 -21.83 -5.51
C VAL A 291 -2.61 -20.48 -6.11
N ALA A 292 -3.61 -19.73 -6.58
CA ALA A 292 -3.44 -18.39 -7.11
C ALA A 292 -4.01 -17.36 -6.14
N VAL A 293 -3.33 -16.24 -5.98
CA VAL A 293 -3.75 -15.15 -5.09
C VAL A 293 -3.96 -13.87 -5.90
N LEU A 294 -5.17 -13.30 -5.82
CA LEU A 294 -5.46 -12.03 -6.48
C LEU A 294 -5.12 -10.88 -5.54
N VAL A 295 -4.40 -9.87 -6.05
CA VAL A 295 -4.01 -8.71 -5.25
C VAL A 295 -4.40 -7.41 -5.94
N GLY A 296 -4.16 -7.33 -7.25
CA GLY A 296 -4.45 -6.09 -7.96
C GLY A 296 -5.92 -5.71 -7.88
N VAL A 297 -6.19 -4.42 -7.96
CA VAL A 297 -7.54 -3.87 -7.90
C VAL A 297 -8.01 -3.58 -9.32
N PRO A 298 -9.16 -4.10 -9.75
CA PRO A 298 -9.63 -3.81 -11.11
C PRO A 298 -10.19 -2.40 -11.23
N SER A 299 -9.97 -1.80 -12.40
CA SER A 299 -10.45 -0.44 -12.65
C SER A 299 -11.94 -0.41 -12.94
N LYS A 300 -12.43 -1.38 -13.71
CA LYS A 300 -13.81 -1.45 -14.13
C LYS A 300 -14.55 -2.53 -13.34
N ASP A 301 -15.72 -2.94 -13.82
CA ASP A 301 -16.46 -4.04 -13.22
C ASP A 301 -16.54 -5.24 -14.15
N ASP A 302 -15.52 -5.45 -14.97
CA ASP A 302 -15.31 -6.76 -15.56
C ASP A 302 -15.21 -7.80 -14.46
N ALA A 303 -15.76 -8.98 -14.74
CA ALA A 303 -15.78 -10.05 -13.73
C ALA A 303 -14.68 -11.07 -13.99
N PHE A 304 -14.19 -11.68 -12.92
CA PHE A 304 -13.26 -12.82 -13.08
C PHE A 304 -14.08 -13.94 -13.70
N LYS A 305 -13.51 -14.62 -14.68
CA LYS A 305 -14.27 -15.66 -15.39
C LYS A 305 -13.38 -16.84 -15.68
N THR A 306 -13.87 -18.03 -15.39
CA THR A 306 -13.11 -19.25 -15.73
C THR A 306 -14.08 -20.42 -15.83
N HIS A 307 -13.65 -21.45 -16.54
CA HIS A 307 -14.47 -22.68 -16.60
C HIS A 307 -14.46 -23.35 -15.23
N PRO A 308 -15.63 -23.72 -14.69
CA PRO A 308 -15.69 -24.38 -13.38
C PRO A 308 -14.81 -25.61 -13.25
N MET A 309 -14.56 -26.35 -14.33
CA MET A 309 -13.71 -27.52 -14.26
C MET A 309 -12.29 -27.19 -13.81
N ASN A 310 -11.85 -25.94 -14.02
CA ASN A 310 -10.53 -25.55 -13.52
C ASN A 310 -10.44 -25.68 -12.00
N PHE A 311 -11.56 -25.50 -11.30
CA PHE A 311 -11.56 -25.74 -9.86
C PHE A 311 -11.72 -27.21 -9.53
N LEU A 312 -12.65 -27.90 -10.21
CA LEU A 312 -12.83 -29.34 -10.01
C LEU A 312 -11.55 -30.12 -10.26
N ASN A 313 -10.63 -29.56 -11.05
CA ASN A 313 -9.29 -30.12 -11.19
C ASN A 313 -8.35 -29.70 -10.04
N GLU A 314 -8.95 -29.18 -8.96
CA GLU A 314 -8.29 -28.96 -7.67
C GLU A 314 -7.29 -27.82 -7.69
N ARG A 315 -7.67 -26.72 -8.32
CA ARG A 315 -7.04 -25.42 -8.14
C ARG A 315 -7.78 -24.62 -7.07
N THR A 316 -7.06 -23.67 -6.48
CA THR A 316 -7.59 -22.80 -5.43
C THR A 316 -7.33 -21.36 -5.81
N LEU A 317 -8.32 -20.50 -5.54
CA LEU A 317 -8.22 -19.07 -5.82
C LEU A 317 -8.46 -18.30 -4.53
N LYS A 318 -7.50 -17.46 -4.16
CA LYS A 318 -7.58 -16.62 -2.97
C LYS A 318 -7.44 -15.16 -3.37
N GLY A 319 -7.76 -14.28 -2.43
CA GLY A 319 -7.54 -12.86 -2.61
C GLY A 319 -7.08 -12.25 -1.30
N THR A 320 -6.45 -11.07 -1.42
CA THR A 320 -5.89 -10.43 -0.24
C THR A 320 -6.18 -8.95 -0.22
N PHE A 321 -6.37 -8.43 0.99
CA PHE A 321 -6.38 -7.00 1.28
C PHE A 321 -5.16 -6.72 2.16
N PHE A 322 -4.25 -5.91 1.65
CA PHE A 322 -3.08 -5.46 2.41
C PHE A 322 -2.30 -6.65 2.96
N GLY A 323 -2.19 -7.71 2.14
CA GLY A 323 -1.41 -8.87 2.51
C GLY A 323 -1.99 -9.66 3.67
N ASN A 324 -3.25 -9.40 4.03
CA ASN A 324 -3.88 -9.96 5.23
C ASN A 324 -3.16 -9.56 6.53
N TYR A 325 -2.35 -8.50 6.50
CA TYR A 325 -1.70 -8.01 7.70
C TYR A 325 -2.63 -7.08 8.48
N LYS A 326 -2.69 -7.27 9.80
CA LYS A 326 -3.38 -6.30 10.65
C LYS A 326 -2.49 -5.09 10.89
N PRO A 327 -3.00 -3.87 10.67
CA PRO A 327 -2.08 -2.72 10.62
C PRO A 327 -1.44 -2.38 11.95
N LYS A 328 -2.15 -2.56 13.07
CA LYS A 328 -1.53 -2.21 14.34
C LYS A 328 -0.76 -3.38 14.93
N THR A 329 -1.22 -4.62 14.69
CA THR A 329 -0.62 -5.80 15.32
C THR A 329 0.58 -6.31 14.53
N ASP A 330 0.51 -6.32 13.19
CA ASP A 330 1.49 -7.01 12.38
C ASP A 330 2.50 -6.08 11.71
N ILE A 331 2.07 -4.90 11.25
CA ILE A 331 2.99 -3.99 10.53
C ILE A 331 4.22 -3.64 11.36
N PRO A 332 4.13 -3.39 12.68
CA PRO A 332 5.39 -3.17 13.43
C PRO A 332 6.35 -4.34 13.32
N GLY A 333 5.85 -5.58 13.22
CA GLY A 333 6.72 -6.72 13.00
C GLY A 333 7.39 -6.71 11.65
N VAL A 334 6.70 -6.22 10.61
CA VAL A 334 7.33 -6.05 9.30
C VAL A 334 8.53 -5.10 9.42
N VAL A 335 8.36 -3.99 10.13
CA VAL A 335 9.46 -3.06 10.32
C VAL A 335 10.61 -3.74 11.08
N GLU A 336 10.27 -4.57 12.08
CA GLU A 336 11.28 -5.32 12.81
C GLU A 336 12.09 -6.22 11.88
N LYS A 337 11.44 -6.82 10.87
CA LYS A 337 12.18 -7.64 9.90
C LYS A 337 13.15 -6.80 9.10
N TYR A 338 12.77 -5.57 8.76
CA TYR A 338 13.72 -4.66 8.14
C TYR A 338 14.88 -4.36 9.09
N MET A 339 14.58 -4.09 10.36
CA MET A 339 15.62 -3.75 11.34
C MET A 339 16.57 -4.91 11.58
N ASN A 340 16.12 -6.14 11.36
CA ASN A 340 16.95 -7.31 11.55
CA ASN A 340 16.97 -7.30 11.56
C ASN A 340 17.58 -7.81 10.26
N LYS A 341 17.58 -6.97 9.22
CA LYS A 341 18.18 -7.26 7.92
C LYS A 341 17.54 -8.47 7.23
N GLU A 342 16.29 -8.78 7.56
CA GLU A 342 15.56 -9.88 6.95
C GLU A 342 14.67 -9.44 5.78
N LEU A 343 14.61 -8.14 5.49
CA LEU A 343 13.70 -7.61 4.49
C LEU A 343 14.36 -6.40 3.84
N GLU A 344 14.33 -6.37 2.51
CA GLU A 344 14.98 -5.30 1.75
C GLU A 344 14.00 -4.14 1.54
N LEU A 345 14.41 -2.94 1.94
CA LEU A 345 13.58 -1.74 1.75
C LEU A 345 14.26 -0.64 0.95
N GLU A 346 15.57 -0.44 1.13
CA GLU A 346 16.21 0.68 0.45
C GLU A 346 16.08 0.59 -1.06
N LYS A 347 16.06 -0.62 -1.62
CA LYS A 347 16.02 -0.72 -3.08
C LYS A 347 14.67 -0.36 -3.69
N PHE A 348 13.65 -0.10 -2.88
CA PHE A 348 12.41 0.44 -3.41
C PHE A 348 12.53 1.92 -3.77
N ILE A 349 13.56 2.60 -3.29
CA ILE A 349 13.66 4.05 -3.42
C ILE A 349 14.36 4.38 -4.73
N THR A 350 13.58 4.88 -5.69
CA THR A 350 14.13 5.25 -6.99
C THR A 350 14.28 6.75 -7.19
N HIS A 351 13.70 7.57 -6.32
CA HIS A 351 13.63 9.02 -6.50
C HIS A 351 13.50 9.66 -5.14
N THR A 352 13.81 10.96 -5.09
CA THR A 352 13.51 11.76 -3.91
C THR A 352 13.37 13.21 -4.33
N VAL A 353 12.43 13.91 -3.69
CA VAL A 353 12.22 15.34 -3.92
C VAL A 353 11.79 15.99 -2.61
N PRO A 354 12.05 17.27 -2.41
CA PRO A 354 11.48 17.97 -1.27
C PRO A 354 9.98 18.22 -1.47
N PHE A 355 9.30 18.56 -0.37
CA PHE A 355 7.85 18.75 -0.38
C PHE A 355 7.41 19.81 -1.39
N SER A 356 8.15 20.93 -1.49
CA SER A 356 7.79 21.97 -2.46
C SER A 356 7.77 21.48 -3.90
N GLU A 357 8.49 20.39 -4.19
CA GLU A 357 8.59 19.80 -5.52
C GLU A 357 7.81 18.49 -5.61
N ILE A 358 6.75 18.37 -4.81
CA ILE A 358 5.97 17.14 -4.78
C ILE A 358 5.39 16.81 -6.15
N ASN A 359 5.08 17.82 -6.96
CA ASN A 359 4.52 17.51 -8.27
C ASN A 359 5.49 16.71 -9.14
N LYS A 360 6.80 16.82 -8.90
CA LYS A 360 7.73 16.01 -9.67
CA LYS A 360 7.73 16.01 -9.67
C LYS A 360 7.55 14.53 -9.39
N ALA A 361 7.19 14.16 -8.16
CA ALA A 361 6.90 12.76 -7.84
C ALA A 361 5.78 12.23 -8.73
N PHE A 362 4.76 13.05 -8.98
CA PHE A 362 3.74 12.66 -9.97
C PHE A 362 4.37 12.44 -11.35
N ASP A 363 5.28 13.32 -11.76
CA ASP A 363 5.92 13.14 -13.07
C ASP A 363 6.67 11.81 -13.13
N TYR A 364 7.51 11.52 -12.12
CA TYR A 364 8.27 10.28 -12.12
C TYR A 364 7.36 9.06 -12.08
N MET A 365 6.24 9.16 -11.37
CA MET A 365 5.27 8.07 -11.31
C MET A 365 4.60 7.87 -12.66
N LEU A 366 4.07 8.95 -13.24
CA LEU A 366 3.31 8.86 -14.48
C LEU A 366 4.18 8.48 -15.66
N LYS A 367 5.47 8.81 -15.60
CA LYS A 367 6.38 8.41 -16.67
C LYS A 367 6.72 6.93 -16.62
N GLY A 368 6.56 6.28 -15.47
CA GLY A 368 6.92 4.89 -15.30
C GLY A 368 8.31 4.71 -14.74
N GLU A 369 8.60 3.47 -14.35
CA GLU A 369 9.88 3.01 -13.79
C GLU A 369 10.18 3.54 -12.39
N SER A 370 9.47 4.57 -11.95
CA SER A 370 9.57 4.98 -10.55
C SER A 370 8.87 3.95 -9.68
N ILE A 371 9.61 3.35 -8.73
CA ILE A 371 8.97 2.51 -7.72
C ILE A 371 8.43 3.40 -6.63
N ARG A 372 9.32 3.97 -5.80
CA ARG A 372 8.88 4.97 -4.83
C ARG A 372 9.79 6.19 -4.84
N CYS A 373 9.16 7.34 -4.58
CA CYS A 373 9.84 8.61 -4.44
C CYS A 373 9.69 9.07 -2.99
N ILE A 374 10.81 9.27 -2.30
CA ILE A 374 10.76 9.77 -0.93
C ILE A 374 10.60 11.28 -0.96
N ILE A 375 9.46 11.76 -0.47
CA ILE A 375 9.15 13.19 -0.41
C ILE A 375 9.60 13.70 0.96
N THR A 376 10.60 14.58 0.98
CA THR A 376 11.21 15.01 2.23
C THR A 376 10.57 16.30 2.70
N MET A 377 10.12 16.32 3.94
CA MET A 377 9.40 17.48 4.46
C MET A 377 10.37 18.57 4.91
N GLY A 378 9.95 19.82 4.76
CA GLY A 378 10.66 20.96 5.33
C GLY A 378 11.09 22.03 4.34
N ALA A 379 11.09 21.74 3.05
CA ALA A 379 11.47 22.74 2.05
C ALA A 379 10.88 22.38 0.69
ZN ZN B . 0.29 3.29 -1.76
ZN ZN C . -12.06 -4.24 13.94
PA NAI D . 2.16 -0.63 -10.63
O1A NAI D . 1.35 0.06 -11.64
O2A NAI D . 3.41 0.11 -10.14
O5B NAI D . 2.63 -2.04 -11.15
C5B NAI D . 1.81 -2.81 -12.06
C4B NAI D . 2.73 -3.52 -13.00
O4B NAI D . 2.00 -4.54 -13.73
C3B NAI D . 3.39 -2.63 -14.06
O3B NAI D . 4.78 -2.94 -14.11
C2B NAI D . 2.64 -2.98 -15.36
O2B NAI D . 3.50 -2.88 -16.48
C1B NAI D . 2.29 -4.44 -15.10
N9A NAI D . 1.12 -4.94 -15.83
C8A NAI D . -0.08 -4.31 -16.01
N7A NAI D . -0.97 -5.03 -16.66
C5A NAI D . -0.30 -6.22 -16.90
C6A NAI D . -0.70 -7.41 -17.54
N6A NAI D . -1.89 -7.59 -18.09
N1A NAI D . 0.20 -8.42 -17.60
C2A NAI D . 1.41 -8.23 -17.05
N3A NAI D . 1.89 -7.16 -16.43
C4A NAI D . 0.98 -6.18 -16.38
O3 NAI D . 1.28 -0.99 -9.36
PN NAI D . 1.53 -1.48 -7.86
O1N NAI D . 1.69 -0.23 -6.99
O2N NAI D . 2.57 -2.48 -7.79
O5D NAI D . 0.10 -2.09 -7.55
C5D NAI D . -0.28 -3.36 -8.13
C4D NAI D . -1.77 -3.55 -7.95
O4D NAI D . -2.06 -3.86 -6.57
C3D NAI D . -2.63 -2.34 -8.30
O3D NAI D . -3.84 -2.74 -8.94
C2D NAI D . -2.95 -1.75 -6.92
O2D NAI D . -4.13 -0.96 -6.94
C1D NAI D . -3.13 -3.05 -6.14
N1N NAI D . -3.07 -2.90 -4.70
C2N NAI D . -3.85 -3.68 -3.91
C3N NAI D . -3.71 -3.70 -2.56
C7N NAI D . -4.54 -4.65 -1.82
O7N NAI D . -4.76 -4.51 -0.61
N7N NAI D . -5.01 -5.70 -2.49
C4N NAI D . -2.92 -2.65 -1.84
C5N NAI D . -2.01 -1.98 -2.82
C6N NAI D . -2.21 -2.00 -4.14
S SO4 E . 1.32 -27.99 -1.55
O1 SO4 E . 2.28 -29.09 -1.52
O2 SO4 E . -0.04 -28.55 -1.48
O3 SO4 E . 1.47 -27.26 -2.81
O4 SO4 E . 1.53 -27.10 -0.41
S SO4 F . -8.41 -5.52 -17.95
O1 SO4 F . -9.64 -5.34 -18.71
O2 SO4 F . -7.84 -6.84 -18.25
O3 SO4 F . -7.45 -4.49 -18.33
O4 SO4 F . -8.68 -5.44 -16.51
S SO4 G . -5.74 -23.39 2.76
O1 SO4 G . -6.59 -24.48 3.24
O2 SO4 G . -5.89 -23.27 1.32
O3 SO4 G . -4.35 -23.68 3.10
O4 SO4 G . -6.15 -22.14 3.39
S SO4 H . 18.73 -1.53 9.20
O1 SO4 H . 17.33 -1.91 9.13
O2 SO4 H . 19.41 -1.95 7.97
O3 SO4 H . 19.35 -2.17 10.35
O4 SO4 H . 18.82 -0.08 9.35
S SO4 I . 6.04 -19.20 -27.79
O1 SO4 I . 5.87 -20.26 -28.78
O2 SO4 I . 6.62 -19.78 -26.58
O3 SO4 I . 4.75 -18.60 -27.47
O4 SO4 I . 6.94 -18.19 -28.33
O1 PG4 J . -7.93 1.89 -7.40
C1 PG4 J . -7.14 1.11 -6.52
C2 PG4 J . -6.94 1.78 -5.19
O2 PG4 J . -7.78 1.18 -4.22
C3 PG4 J . -7.26 1.24 -2.90
C4 PG4 J . -6.73 -0.10 -2.47
O3 PG4 J . -7.80 -1.01 -2.24
C5 PG4 J . -7.22 -2.25 -1.85
C6 PG4 J . -8.23 -3.35 -1.95
O4 PG4 J . -9.25 -3.16 -0.97
C7 PG4 J . -9.93 -4.39 -0.78
C8 PG4 J . -10.85 -4.31 0.40
O5 PG4 J . -11.86 -3.32 0.20
O1 PG4 K . -15.09 21.56 9.49
C1 PG4 K . -16.22 20.92 8.89
C2 PG4 K . -15.78 19.75 8.06
O2 PG4 K . -16.84 19.37 7.19
C3 PG4 K . -16.43 18.43 6.20
C4 PG4 K . -15.55 19.11 5.20
O3 PG4 K . -15.16 18.20 4.17
C5 PG4 K . -14.55 18.93 3.11
C6 PG4 K . -15.52 19.87 2.48
O4 PG4 K . -14.91 20.55 1.40
C7 PG4 K . -15.89 21.41 0.85
C8 PG4 K . -15.27 22.41 -0.09
O5 PG4 K . -14.37 23.28 0.59
O1 PG4 L . -6.10 13.28 25.72
C1 PG4 L . -5.19 13.37 26.80
C2 PG4 L . -5.28 12.16 27.68
O2 PG4 L . -5.14 10.99 26.89
C3 PG4 L . -4.20 10.07 27.43
C4 PG4 L . -4.91 8.93 28.07
O3 PG4 L . -5.62 9.37 29.22
C5 PG4 L . -6.23 8.23 29.80
C6 PG4 L . -7.52 8.64 30.44
O4 PG4 L . -7.30 9.78 31.25
C7 PG4 L . -8.45 9.92 32.05
C8 PG4 L . -9.29 11.06 31.56
O5 PG4 L . -9.04 12.20 32.35
C1 PEG M . -7.06 1.91 29.60
O1 PEG M . -7.09 0.67 28.91
C2 PEG M . -5.86 2.00 30.48
O2 PEG M . -5.53 3.37 30.71
C3 PEG M . -4.25 3.74 30.20
C4 PEG M . -3.22 2.74 30.58
O4 PEG M . -1.93 3.07 30.04
C1 PEG N . -2.46 -13.76 8.74
O1 PEG N . -1.88 -15.01 8.40
C2 PEG N . -1.43 -12.68 8.83
O2 PEG N . -0.71 -12.82 10.05
C3 PEG N . 0.64 -12.39 9.94
C4 PEG N . 1.43 -13.05 11.04
O4 PEG N . 2.80 -12.73 10.92
C1 PEG O . 6.54 -10.39 8.51
O1 PEG O . 6.34 -10.33 9.92
C2 PEG O . 7.33 -11.59 8.13
O2 PEG O . 8.50 -11.19 7.42
C3 PEG O . 9.45 -12.23 7.26
C4 PEG O . 10.78 -11.64 6.87
O4 PEG O . 11.85 -12.50 7.22
C1 PEG P . 5.25 -34.22 -4.36
O1 PEG P . 4.76 -33.98 -3.05
C2 PEG P . 4.31 -33.67 -5.40
O2 PEG P . 3.66 -32.50 -4.88
C3 PEG P . 3.97 -31.34 -5.62
C4 PEG P . 3.63 -30.12 -4.80
O4 PEG P . 4.70 -29.19 -4.78
C1 PEG Q . 6.35 -30.20 -0.52
O1 PEG Q . 5.57 -31.21 0.10
C2 PEG Q . 7.71 -30.72 -0.89
O2 PEG Q . 8.50 -29.63 -1.37
C3 PEG Q . 8.00 -29.07 -2.58
C4 PEG Q . 9.14 -28.69 -3.46
O4 PEG Q . 8.78 -28.75 -4.83
C1 PEG R . 12.82 22.51 -10.02
O1 PEG R . 13.06 21.11 -9.89
C2 PEG R . 13.26 23.25 -8.79
O2 PEG R . 12.45 24.41 -8.62
C3 PEG R . 12.32 25.17 -9.81
C4 PEG R . 11.29 26.24 -9.62
O4 PEG R . 11.19 27.07 -10.76
C1 EDO S . 8.44 -26.73 -8.54
O1 EDO S . 7.25 -27.46 -8.19
C2 EDO S . 8.41 -26.37 -10.01
O2 EDO S . 7.09 -25.92 -10.36
C1 EDO T . -5.13 -23.89 -18.51
O1 EDO T . -6.48 -23.45 -18.43
C2 EDO T . -4.40 -23.16 -19.62
O2 EDO T . -3.26 -23.92 -20.03
#